data_1EFI
#
_entry.id   1EFI
#
_cell.length_a   42.650
_cell.length_b   96.340
_cell.length_c   63.580
_cell.angle_alpha   90.00
_cell.angle_beta   107.29
_cell.angle_gamma   90.00
#
_symmetry.space_group_name_H-M   'P 1 21 1'
#
loop_
_entity.id
_entity.type
_entity.pdbx_description
1 polymer 'PROTEIN (HEAT-LABILE ENTEROTOXIN B CHAIN)'
2 non-polymer '4-aminophenyl alpha-D-galactopyranoside'
3 water water
#
_entity_poly.entity_id   1
_entity_poly.type   'polypeptide(L)'
_entity_poly.pdbx_seq_one_letter_code
;APQTITELCSEYRNTQIYTINDKILSYTESMAGKREMVIITFKSGETFQVEVPGSQHIDSQKKAIERMKDTLRITYLTET
KIDKLCVWNNKTPNSIAAISMKN
;
_entity_poly.pdbx_strand_id   D,E,F,G,H
#
loop_
_chem_comp.id
_chem_comp.type
_chem_comp.name
_chem_comp.formula
GAT D-saccharide '4-aminophenyl alpha-D-galactopyranoside' 'C12 H17 N O6'
#
# COMPACT_ATOMS: atom_id res chain seq x y z
N ALA A 1 23.32 -15.42 -4.77
CA ALA A 1 22.55 -14.35 -5.46
C ALA A 1 23.45 -13.13 -5.65
N PRO A 2 23.19 -12.33 -6.69
CA PRO A 2 24.02 -11.14 -6.91
C PRO A 2 24.01 -10.18 -5.75
N GLN A 3 25.11 -9.45 -5.59
CA GLN A 3 25.26 -8.51 -4.50
C GLN A 3 25.00 -7.07 -4.88
N THR A 4 24.95 -6.78 -6.16
CA THR A 4 24.74 -5.41 -6.63
C THR A 4 23.90 -5.48 -7.90
N ILE A 5 23.40 -4.32 -8.32
CA ILE A 5 22.60 -4.24 -9.50
C ILE A 5 23.46 -4.49 -10.72
N THR A 6 24.74 -4.16 -10.62
CA THR A 6 25.67 -4.36 -11.73
C THR A 6 25.87 -5.86 -11.96
N GLU A 7 26.13 -6.59 -10.88
CA GLU A 7 26.33 -8.02 -10.98
C GLU A 7 25.06 -8.67 -11.54
N LEU A 8 23.91 -8.22 -11.06
CA LEU A 8 22.65 -8.78 -11.51
C LEU A 8 22.43 -8.50 -13.00
N CYS A 9 22.68 -7.26 -13.40
CA CYS A 9 22.47 -6.86 -14.80
C CYS A 9 23.28 -7.69 -15.77
N SER A 10 24.50 -8.01 -15.37
CA SER A 10 25.41 -8.78 -16.20
C SER A 10 24.98 -10.24 -16.43
N GLU A 11 24.01 -10.73 -15.67
CA GLU A 11 23.54 -12.11 -15.84
C GLU A 11 22.51 -12.28 -16.97
N TYR A 12 22.06 -11.19 -17.56
CA TYR A 12 21.07 -11.26 -18.62
C TYR A 12 21.58 -10.77 -19.95
N ARG A 13 20.93 -11.18 -21.02
CA ARG A 13 21.30 -10.70 -22.34
C ARG A 13 20.45 -9.47 -22.64
N ASN A 14 20.90 -8.72 -23.63
CA ASN A 14 20.21 -7.50 -24.05
C ASN A 14 19.91 -6.49 -22.95
N THR A 15 20.81 -6.36 -21.98
CA THR A 15 20.63 -5.36 -20.92
C THR A 15 21.83 -4.44 -20.81
N GLN A 16 21.64 -3.34 -20.11
CA GLN A 16 22.73 -2.42 -19.83
C GLN A 16 22.31 -1.57 -18.65
N ILE A 17 23.31 -1.07 -17.94
CA ILE A 17 23.11 -0.22 -16.79
C ILE A 17 23.04 1.22 -17.27
N TYR A 18 22.16 2.01 -16.69
CA TYR A 18 22.04 3.42 -16.97
C TYR A 18 22.28 4.12 -15.65
N THR A 19 23.35 4.89 -15.56
CA THR A 19 23.61 5.60 -14.33
C THR A 19 22.75 6.88 -14.43
N ILE A 20 21.85 7.06 -13.46
CA ILE A 20 20.91 8.17 -13.42
C ILE A 20 21.27 9.32 -12.47
N ASN A 21 21.42 9.00 -11.18
CA ASN A 21 21.74 10.01 -10.14
C ASN A 21 20.82 11.21 -10.25
N ASP A 22 19.52 10.95 -10.29
CA ASP A 22 18.58 12.03 -10.42
C ASP A 22 17.19 11.57 -10.05
N LYS A 23 16.33 12.52 -9.72
CA LYS A 23 14.94 12.20 -9.40
C LYS A 23 14.23 12.06 -10.74
N ILE A 24 13.06 11.43 -10.73
CA ILE A 24 12.29 11.24 -11.93
C ILE A 24 11.68 12.58 -12.37
N LEU A 25 11.78 12.90 -13.67
CA LEU A 25 11.21 14.14 -14.17
C LEU A 25 9.70 13.99 -14.39
N SER A 26 9.29 12.95 -15.09
CA SER A 26 7.86 12.74 -15.27
C SER A 26 7.51 11.26 -15.04
N TYR A 27 6.29 11.06 -14.56
CA TYR A 27 5.74 9.75 -14.29
C TYR A 27 4.42 9.67 -15.03
N THR A 28 4.24 8.61 -15.84
CA THR A 28 3.01 8.39 -16.61
C THR A 28 2.52 6.98 -16.31
N GLU A 29 1.22 6.87 -16.07
CA GLU A 29 0.63 5.59 -15.72
C GLU A 29 -0.61 5.41 -16.58
N SER A 30 -0.75 4.22 -17.19
CA SER A 30 -1.89 3.94 -18.03
C SER A 30 -2.67 2.69 -17.62
N MET A 31 -3.99 2.79 -17.66
CA MET A 31 -4.85 1.62 -17.41
C MET A 31 -5.61 1.26 -18.71
N ALA A 32 -5.16 1.82 -19.83
CA ALA A 32 -5.78 1.53 -21.13
C ALA A 32 -5.46 0.10 -21.52
N GLY A 33 -6.44 -0.57 -22.10
CA GLY A 33 -6.29 -1.95 -22.50
C GLY A 33 -5.09 -2.23 -23.38
N LYS A 34 -4.28 -3.24 -23.01
CA LYS A 34 -3.08 -3.62 -23.75
C LYS A 34 -1.96 -2.60 -23.53
N ARG A 35 -2.25 -1.54 -22.79
CA ARG A 35 -1.21 -0.56 -22.48
C ARG A 35 -1.16 -0.29 -20.96
N GLU A 36 -1.32 -1.34 -20.17
CA GLU A 36 -1.28 -1.20 -18.71
C GLU A 36 0.21 -1.10 -18.33
N MET A 37 0.74 0.11 -18.35
CA MET A 37 2.15 0.29 -18.10
C MET A 37 2.47 1.58 -17.38
N VAL A 38 3.76 1.79 -17.09
CA VAL A 38 4.26 3.00 -16.46
C VAL A 38 5.46 3.45 -17.29
N ILE A 39 5.55 4.75 -17.55
CA ILE A 39 6.65 5.32 -18.31
C ILE A 39 7.27 6.40 -17.44
N ILE A 40 8.59 6.42 -17.35
CA ILE A 40 9.24 7.47 -16.58
C ILE A 40 10.26 8.20 -17.46
N THR A 41 10.49 9.47 -17.20
CA THR A 41 11.49 10.24 -17.94
C THR A 41 12.41 10.99 -16.97
N PHE A 42 13.58 11.37 -17.46
CA PHE A 42 14.57 12.13 -16.69
C PHE A 42 14.97 13.38 -17.50
N LYS A 43 15.44 14.42 -16.79
CA LYS A 43 15.87 15.67 -17.39
C LYS A 43 16.93 15.44 -18.48
N SER A 44 17.62 14.31 -18.38
CA SER A 44 18.64 13.93 -19.35
C SER A 44 17.97 13.67 -20.69
N GLY A 45 16.67 13.41 -20.66
CA GLY A 45 15.92 13.14 -21.86
C GLY A 45 15.74 11.65 -22.08
N GLU A 46 16.18 10.82 -21.13
CA GLU A 46 16.02 9.38 -21.25
C GLU A 46 14.60 8.99 -20.86
N THR A 47 14.11 7.92 -21.48
CA THR A 47 12.77 7.44 -21.22
C THR A 47 12.81 5.94 -20.98
N PHE A 48 12.11 5.48 -19.94
CA PHE A 48 12.07 4.05 -19.65
C PHE A 48 10.65 3.61 -19.34
N GLN A 49 10.40 2.32 -19.49
CA GLN A 49 9.06 1.76 -19.21
C GLN A 49 9.14 0.49 -18.38
N VAL A 50 8.02 0.17 -17.76
CA VAL A 50 7.86 -1.10 -17.05
C VAL A 50 6.89 -1.69 -18.06
N GLU A 51 7.28 -2.79 -18.71
CA GLU A 51 6.43 -3.39 -19.75
C GLU A 51 5.10 -3.93 -19.30
N VAL A 52 4.17 -4.00 -20.26
CA VAL A 52 2.85 -4.57 -20.05
C VAL A 52 3.15 -6.06 -19.84
N PRO A 53 2.51 -6.69 -18.85
CA PRO A 53 2.76 -8.11 -18.61
C PRO A 53 2.48 -8.91 -19.89
N GLY A 54 3.40 -9.78 -20.30
CA GLY A 54 3.19 -10.53 -21.51
C GLY A 54 3.78 -11.92 -21.48
N SER A 55 3.77 -12.59 -22.62
CA SER A 55 4.29 -13.93 -22.73
C SER A 55 5.80 -14.02 -22.38
N GLN A 56 6.50 -12.90 -22.45
CA GLN A 56 7.92 -12.91 -22.11
C GLN A 56 8.16 -12.97 -20.62
N HIS A 57 7.11 -12.81 -19.81
CA HIS A 57 7.27 -12.84 -18.36
C HIS A 57 6.86 -14.19 -17.76
N ILE A 58 7.61 -14.68 -16.78
CA ILE A 58 7.27 -15.94 -16.12
C ILE A 58 6.40 -15.61 -14.91
N ASP A 59 5.79 -16.62 -14.32
CA ASP A 59 4.91 -16.43 -13.15
C ASP A 59 5.48 -15.58 -12.04
N SER A 60 6.70 -15.89 -11.62
CA SER A 60 7.32 -15.17 -10.52
C SER A 60 7.48 -13.66 -10.75
N GLN A 61 7.48 -13.25 -12.00
CA GLN A 61 7.63 -11.82 -12.31
C GLN A 61 6.37 -10.97 -12.16
N LYS A 62 5.21 -11.61 -12.14
CA LYS A 62 3.96 -10.88 -12.06
C LYS A 62 3.83 -9.96 -10.86
N LYS A 63 4.15 -10.47 -9.69
CA LYS A 63 4.08 -9.63 -8.51
C LYS A 63 5.24 -8.66 -8.54
N ALA A 64 6.36 -9.05 -9.14
CA ALA A 64 7.52 -8.16 -9.19
C ALA A 64 7.28 -6.96 -10.12
N ILE A 65 6.55 -7.19 -11.19
CA ILE A 65 6.21 -6.11 -12.13
C ILE A 65 5.35 -5.07 -11.39
N GLU A 66 4.34 -5.53 -10.66
CA GLU A 66 3.47 -4.62 -9.91
C GLU A 66 4.24 -3.86 -8.83
N ARG A 67 5.19 -4.52 -8.17
CA ARG A 67 6.01 -3.87 -7.15
C ARG A 67 6.85 -2.76 -7.79
N MET A 68 7.49 -3.07 -8.93
CA MET A 68 8.33 -2.08 -9.60
C MET A 68 7.55 -0.81 -9.90
N LYS A 69 6.30 -0.98 -10.34
CA LYS A 69 5.46 0.17 -10.65
C LYS A 69 5.14 0.90 -9.34
N ASP A 70 4.91 0.16 -8.26
CA ASP A 70 4.65 0.80 -6.98
C ASP A 70 5.90 1.64 -6.59
N THR A 71 7.08 1.04 -6.76
CA THR A 71 8.34 1.72 -6.41
C THR A 71 8.54 3.00 -7.20
N LEU A 72 8.25 2.96 -8.51
CA LEU A 72 8.41 4.13 -9.34
C LEU A 72 7.47 5.27 -8.93
N ARG A 73 6.24 4.94 -8.57
CA ARG A 73 5.29 5.98 -8.16
C ARG A 73 5.76 6.66 -6.89
N ILE A 74 6.04 5.87 -5.86
CA ILE A 74 6.47 6.44 -4.59
C ILE A 74 7.81 7.17 -4.71
N THR A 75 8.71 6.66 -5.54
CA THR A 75 10.01 7.30 -5.74
C THR A 75 9.77 8.64 -6.42
N TYR A 76 8.88 8.68 -7.40
CA TYR A 76 8.59 9.94 -8.08
C TYR A 76 7.98 10.97 -7.11
N LEU A 77 6.95 10.52 -6.38
CA LEU A 77 6.25 11.37 -5.44
C LEU A 77 7.14 11.95 -4.35
N THR A 78 8.14 11.19 -3.95
CA THR A 78 9.02 11.65 -2.88
C THR A 78 10.25 12.36 -3.41
N GLU A 79 10.35 12.46 -4.73
CA GLU A 79 11.51 13.10 -5.37
C GLU A 79 12.83 12.42 -4.97
N THR A 80 12.74 11.12 -4.71
CA THR A 80 13.89 10.32 -4.35
C THR A 80 14.81 10.16 -5.54
N LYS A 81 16.10 10.33 -5.36
CA LYS A 81 17.03 10.18 -6.47
C LYS A 81 17.25 8.72 -6.80
N ILE A 82 17.22 8.41 -8.09
CA ILE A 82 17.48 7.05 -8.53
C ILE A 82 18.97 6.97 -8.85
N ASP A 83 19.64 5.92 -8.42
CA ASP A 83 21.06 5.80 -8.71
C ASP A 83 21.24 5.20 -10.09
N LYS A 84 20.87 3.92 -10.24
CA LYS A 84 21.03 3.22 -11.51
C LYS A 84 19.82 2.40 -11.90
N LEU A 85 19.75 2.08 -13.19
CA LEU A 85 18.69 1.22 -13.71
C LEU A 85 19.31 0.14 -14.59
N CYS A 86 18.87 -1.10 -14.43
CA CYS A 86 19.32 -2.17 -15.30
C CYS A 86 18.14 -2.30 -16.27
N VAL A 87 18.39 -2.13 -17.55
CA VAL A 87 17.30 -2.19 -18.51
C VAL A 87 17.54 -3.13 -19.68
N TRP A 88 16.47 -3.65 -20.25
CA TRP A 88 16.59 -4.47 -21.44
C TRP A 88 16.58 -3.45 -22.60
N ASN A 89 17.59 -3.50 -23.44
CA ASN A 89 17.68 -2.54 -24.54
C ASN A 89 17.12 -3.06 -25.87
N ASN A 90 16.32 -4.12 -25.82
CA ASN A 90 15.68 -4.63 -27.02
C ASN A 90 14.21 -4.23 -27.07
N LYS A 91 13.87 -3.19 -26.33
CA LYS A 91 12.51 -2.66 -26.31
C LYS A 91 12.63 -1.14 -26.34
N THR A 92 11.60 -0.46 -26.82
CA THR A 92 11.52 0.99 -26.87
C THR A 92 10.19 1.41 -26.23
N PRO A 93 10.23 2.17 -25.13
CA PRO A 93 11.46 2.66 -24.50
C PRO A 93 12.18 1.50 -23.83
N ASN A 94 13.42 1.72 -23.43
CA ASN A 94 14.17 0.70 -22.73
C ASN A 94 13.34 0.21 -21.56
N SER A 95 13.34 -1.11 -21.35
CA SER A 95 12.55 -1.76 -20.31
C SER A 95 13.27 -2.02 -18.98
N ILE A 96 12.71 -1.54 -17.88
CA ILE A 96 13.31 -1.70 -16.54
C ILE A 96 13.32 -3.14 -15.99
N ALA A 97 14.52 -3.62 -15.65
CA ALA A 97 14.71 -4.95 -15.07
C ALA A 97 14.97 -4.81 -13.56
N ALA A 98 15.71 -3.77 -13.18
CA ALA A 98 16.02 -3.55 -11.78
C ALA A 98 16.31 -2.09 -11.55
N ILE A 99 16.29 -1.67 -10.30
CA ILE A 99 16.52 -0.28 -9.96
C ILE A 99 17.35 -0.23 -8.66
N SER A 100 18.17 0.79 -8.53
CA SER A 100 18.94 0.98 -7.31
C SER A 100 18.90 2.44 -6.90
N MET A 101 18.93 2.69 -5.60
CA MET A 101 18.93 4.03 -5.05
C MET A 101 19.78 4.07 -3.79
N LYS A 102 20.57 5.12 -3.66
CA LYS A 102 21.46 5.31 -2.53
C LYS A 102 21.20 6.62 -1.78
N ASN A 103 21.32 6.56 -0.47
CA ASN A 103 21.11 7.75 0.32
C ASN A 103 22.41 8.02 1.06
N ALA B 1 4.56 -16.97 22.09
CA ALA B 1 5.42 -16.70 20.92
C ALA B 1 6.60 -15.87 21.40
N PRO B 2 7.64 -15.73 20.58
CA PRO B 2 8.80 -14.94 21.03
C PRO B 2 8.44 -13.49 21.37
N GLN B 3 9.19 -12.92 22.32
CA GLN B 3 9.01 -11.54 22.79
C GLN B 3 9.91 -10.57 22.06
N THR B 4 11.02 -11.06 21.51
CA THR B 4 11.99 -10.18 20.83
C THR B 4 12.56 -10.85 19.59
N ILE B 5 13.20 -10.05 18.74
CA ILE B 5 13.79 -10.57 17.51
C ILE B 5 14.90 -11.58 17.82
N THR B 6 15.66 -11.34 18.87
CA THR B 6 16.75 -12.24 19.25
C THR B 6 16.19 -13.58 19.71
N GLU B 7 15.08 -13.54 20.46
CA GLU B 7 14.48 -14.78 20.93
C GLU B 7 13.95 -15.55 19.73
N LEU B 8 13.31 -14.84 18.80
CA LEU B 8 12.77 -15.47 17.62
C LEU B 8 13.88 -16.09 16.77
N CYS B 9 14.93 -15.32 16.54
CA CYS B 9 16.06 -15.74 15.72
C CYS B 9 16.68 -17.02 16.24
N SER B 10 16.80 -17.11 17.57
CA SER B 10 17.39 -18.29 18.22
C SER B 10 16.55 -19.54 18.05
N GLU B 11 15.31 -19.40 17.59
CA GLU B 11 14.52 -20.59 17.42
C GLU B 11 14.95 -21.34 16.16
N TYR B 12 15.79 -20.73 15.35
CA TYR B 12 16.21 -21.33 14.10
C TYR B 12 17.68 -21.70 13.99
N ARG B 13 17.95 -22.56 13.03
CA ARG B 13 19.29 -23.06 12.72
C ARG B 13 19.88 -22.16 11.62
N ASN B 14 21.21 -22.01 11.60
CA ASN B 14 21.89 -21.20 10.61
C ASN B 14 21.48 -19.72 10.60
N THR B 15 21.09 -19.21 11.75
CA THR B 15 20.71 -17.81 11.85
C THR B 15 21.55 -17.07 12.86
N GLN B 16 21.60 -15.75 12.71
CA GLN B 16 22.35 -14.94 13.65
C GLN B 16 21.86 -13.53 13.54
N ILE B 17 22.03 -12.80 14.64
CA ILE B 17 21.61 -11.42 14.72
C ILE B 17 22.74 -10.48 14.33
N TYR B 18 22.40 -9.50 13.49
CA TYR B 18 23.32 -8.44 13.08
C TYR B 18 22.76 -7.15 13.69
N THR B 19 23.55 -6.50 14.54
CA THR B 19 23.13 -5.25 15.14
C THR B 19 23.51 -4.17 14.13
N ILE B 20 22.51 -3.58 13.51
CA ILE B 20 22.75 -2.58 12.49
C ILE B 20 22.74 -1.15 13.07
N ASN B 21 21.71 -0.80 13.82
CA ASN B 21 21.62 0.53 14.44
C ASN B 21 21.99 1.61 13.41
N ASP B 22 21.33 1.58 12.26
CA ASP B 22 21.63 2.53 11.19
C ASP B 22 20.54 2.48 10.13
N LYS B 23 20.42 3.55 9.37
CA LYS B 23 19.46 3.59 8.29
C LYS B 23 20.08 2.84 7.11
N ILE B 24 19.26 2.47 6.14
CA ILE B 24 19.73 1.76 4.96
C ILE B 24 20.54 2.67 4.05
N LEU B 25 21.68 2.19 3.58
CA LEU B 25 22.53 2.99 2.71
C LEU B 25 21.98 2.91 1.29
N SER B 26 21.76 1.69 0.79
CA SER B 26 21.24 1.53 -0.54
C SER B 26 20.13 0.49 -0.62
N TYR B 27 19.27 0.67 -1.61
CA TYR B 27 18.16 -0.23 -1.86
C TYR B 27 18.16 -0.65 -3.34
N THR B 28 18.12 -1.95 -3.59
CA THR B 28 18.09 -2.49 -4.95
C THR B 28 16.94 -3.47 -5.09
N GLU B 29 16.12 -3.29 -6.13
CA GLU B 29 14.95 -4.13 -6.38
C GLU B 29 14.97 -4.62 -7.82
N SER B 30 14.78 -5.92 -7.99
CA SER B 30 14.81 -6.55 -9.30
C SER B 30 13.56 -7.32 -9.66
N MET B 31 13.09 -7.12 -10.89
CA MET B 31 11.92 -7.87 -11.39
C MET B 31 12.37 -8.79 -12.52
N ALA B 32 13.68 -8.94 -12.70
CA ALA B 32 14.21 -9.82 -13.73
C ALA B 32 13.88 -11.27 -13.36
N GLY B 33 13.57 -12.09 -14.35
CA GLY B 33 13.17 -13.45 -14.09
C GLY B 33 14.20 -14.23 -13.29
N LYS B 34 13.73 -14.93 -12.27
CA LYS B 34 14.58 -15.74 -11.41
C LYS B 34 15.44 -14.90 -10.49
N ARG B 35 15.29 -13.58 -10.56
CA ARG B 35 16.05 -12.69 -9.68
C ARG B 35 15.08 -11.65 -9.09
N GLU B 36 13.85 -12.09 -8.80
CA GLU B 36 12.82 -11.18 -8.24
C GLU B 36 13.17 -11.02 -6.76
N MET B 37 14.00 -10.03 -6.44
CA MET B 37 14.49 -9.84 -5.08
C MET B 37 14.79 -8.40 -4.70
N VAL B 38 15.18 -8.22 -3.43
CA VAL B 38 15.57 -6.91 -2.90
C VAL B 38 16.94 -7.07 -2.22
N ILE B 39 17.81 -6.09 -2.41
CA ILE B 39 19.13 -6.11 -1.81
C ILE B 39 19.35 -4.77 -1.12
N ILE B 40 19.79 -4.81 0.13
CA ILE B 40 20.07 -3.60 0.87
C ILE B 40 21.53 -3.62 1.37
N THR B 41 22.09 -2.44 1.64
CA THR B 41 23.46 -2.34 2.13
C THR B 41 23.50 -1.24 3.16
N PHE B 42 24.53 -1.26 3.99
CA PHE B 42 24.72 -0.25 5.04
C PHE B 42 26.15 0.34 4.99
N LYS B 43 26.34 1.52 5.58
CA LYS B 43 27.65 2.19 5.64
C LYS B 43 28.73 1.27 6.20
N SER B 44 28.32 0.25 6.94
CA SER B 44 29.25 -0.72 7.53
C SER B 44 29.87 -1.63 6.46
N GLY B 45 29.29 -1.63 5.27
CA GLY B 45 29.77 -2.49 4.19
C GLY B 45 29.06 -3.85 4.17
N GLU B 46 27.98 -3.98 4.93
CA GLU B 46 27.23 -5.24 4.97
C GLU B 46 26.11 -5.18 3.93
N THR B 47 25.84 -6.32 3.31
CA THR B 47 24.83 -6.45 2.26
C THR B 47 23.88 -7.57 2.64
N PHE B 48 22.59 -7.38 2.40
CA PHE B 48 21.61 -8.40 2.73
C PHE B 48 20.56 -8.50 1.63
N GLN B 49 19.84 -9.61 1.57
CA GLN B 49 18.82 -9.77 0.54
C GLN B 49 17.56 -10.37 1.13
N VAL B 50 16.46 -10.19 0.41
CA VAL B 50 15.22 -10.86 0.74
C VAL B 50 15.27 -11.82 -0.46
N GLU B 51 15.38 -13.11 -0.19
CA GLU B 51 15.49 -14.12 -1.23
C GLU B 51 14.32 -14.19 -2.21
N VAL B 52 14.63 -14.72 -3.38
CA VAL B 52 13.63 -14.95 -4.43
C VAL B 52 12.77 -16.07 -3.84
N PRO B 53 11.44 -15.98 -3.99
CA PRO B 53 10.59 -17.03 -3.43
C PRO B 53 10.94 -18.40 -4.04
N GLY B 54 11.04 -19.42 -3.21
CA GLY B 54 11.40 -20.72 -3.73
C GLY B 54 10.89 -21.91 -2.93
N SER B 55 11.35 -23.09 -3.31
CA SER B 55 10.96 -24.35 -2.69
C SER B 55 11.24 -24.38 -1.18
N GLN B 56 12.21 -23.58 -0.74
CA GLN B 56 12.54 -23.57 0.67
C GLN B 56 11.49 -22.84 1.50
N HIS B 57 10.62 -22.08 0.84
CA HIS B 57 9.59 -21.34 1.54
C HIS B 57 8.29 -22.13 1.66
N ILE B 58 7.59 -21.98 2.78
CA ILE B 58 6.32 -22.66 2.97
C ILE B 58 5.24 -21.64 2.63
N ASP B 59 4.04 -22.13 2.41
CA ASP B 59 2.94 -21.26 2.03
C ASP B 59 2.68 -20.05 2.90
N SER B 60 2.80 -20.22 4.22
CA SER B 60 2.53 -19.12 5.14
C SER B 60 3.56 -18.00 4.98
N GLN B 61 4.65 -18.27 4.27
CA GLN B 61 5.68 -17.25 4.10
C GLN B 61 5.50 -16.38 2.88
N LYS B 62 4.62 -16.78 1.96
CA LYS B 62 4.47 -16.01 0.75
C LYS B 62 4.10 -14.55 0.91
N LYS B 63 3.08 -14.26 1.71
CA LYS B 63 2.71 -12.87 1.95
C LYS B 63 3.79 -12.21 2.81
N ALA B 64 4.43 -12.99 3.66
CA ALA B 64 5.45 -12.45 4.56
C ALA B 64 6.65 -11.94 3.79
N ILE B 65 7.00 -12.65 2.70
CA ILE B 65 8.12 -12.25 1.86
C ILE B 65 7.79 -10.91 1.22
N GLU B 66 6.57 -10.78 0.71
CA GLU B 66 6.16 -9.54 0.06
C GLU B 66 6.10 -8.38 1.05
N ARG B 67 5.69 -8.70 2.28
CA ARG B 67 5.61 -7.68 3.34
C ARG B 67 7.01 -7.17 3.70
N MET B 68 7.98 -8.08 3.84
CA MET B 68 9.35 -7.70 4.18
C MET B 68 9.92 -6.74 3.12
N LYS B 69 9.67 -7.03 1.84
CA LYS B 69 10.17 -6.15 0.80
C LYS B 69 9.49 -4.78 0.89
N ASP B 70 8.21 -4.76 1.28
CA ASP B 70 7.48 -3.49 1.40
C ASP B 70 8.15 -2.70 2.53
N THR B 71 8.44 -3.41 3.61
CA THR B 71 9.06 -2.76 4.75
C THR B 71 10.42 -2.18 4.42
N LEU B 72 11.29 -2.95 3.75
CA LEU B 72 12.61 -2.43 3.42
C LEU B 72 12.52 -1.18 2.56
N ARG B 73 11.60 -1.15 1.60
CA ARG B 73 11.46 0.03 0.73
C ARG B 73 11.06 1.26 1.51
N ILE B 74 9.95 1.17 2.25
CA ILE B 74 9.48 2.31 3.01
C ILE B 74 10.49 2.69 4.10
N THR B 75 11.20 1.71 4.65
CA THR B 75 12.20 2.01 5.67
C THR B 75 13.34 2.81 5.02
N TYR B 76 13.70 2.44 3.80
CA TYR B 76 14.76 3.14 3.09
C TYR B 76 14.37 4.58 2.74
N LEU B 77 13.18 4.73 2.17
CA LEU B 77 12.70 6.04 1.76
C LEU B 77 12.47 7.02 2.92
N THR B 78 12.16 6.50 4.10
CA THR B 78 11.93 7.36 5.24
C THR B 78 13.18 7.53 6.12
N GLU B 79 14.27 6.93 5.69
CA GLU B 79 15.53 6.99 6.43
C GLU B 79 15.36 6.47 7.86
N THR B 80 14.47 5.49 8.00
CA THR B 80 14.20 4.91 9.30
C THR B 80 15.37 4.05 9.76
N LYS B 81 15.75 4.20 11.01
CA LYS B 81 16.85 3.47 11.59
C LYS B 81 16.47 2.03 11.93
N ILE B 82 17.28 1.10 11.43
CA ILE B 82 17.06 -0.32 11.71
C ILE B 82 17.87 -0.66 12.98
N ASP B 83 17.28 -1.44 13.85
CA ASP B 83 17.94 -1.87 15.09
C ASP B 83 18.69 -3.15 14.75
N LYS B 84 17.95 -4.23 14.61
CA LYS B 84 18.56 -5.51 14.31
C LYS B 84 17.96 -6.26 13.11
N LEU B 85 18.77 -7.16 12.56
CA LEU B 85 18.37 -8.04 11.47
C LEU B 85 18.73 -9.47 11.90
N CYS B 86 17.78 -10.38 11.76
CA CYS B 86 17.99 -11.81 12.02
C CYS B 86 18.16 -12.34 10.62
N VAL B 87 19.32 -12.91 10.32
CA VAL B 87 19.59 -13.42 8.99
C VAL B 87 20.06 -14.86 8.96
N TRP B 88 19.77 -15.53 7.84
CA TRP B 88 20.24 -16.88 7.63
C TRP B 88 21.64 -16.68 7.05
N ASN B 89 22.62 -17.36 7.59
CA ASN B 89 24.01 -17.19 7.15
C ASN B 89 24.49 -18.26 6.15
N ASN B 90 23.57 -19.07 5.66
CA ASN B 90 23.90 -20.12 4.69
C ASN B 90 23.46 -19.67 3.30
N LYS B 91 23.38 -18.36 3.12
CA LYS B 91 23.01 -17.74 1.84
C LYS B 91 23.90 -16.51 1.69
N THR B 92 24.19 -16.15 0.46
CA THR B 92 25.04 -15.01 0.15
C THR B 92 24.35 -14.15 -0.90
N PRO B 93 24.07 -12.89 -0.61
CA PRO B 93 24.39 -12.26 0.67
C PRO B 93 23.45 -12.87 1.70
N ASN B 94 23.74 -12.63 2.97
CA ASN B 94 22.92 -13.18 4.04
C ASN B 94 21.45 -12.84 3.80
N SER B 95 20.58 -13.79 4.15
CA SER B 95 19.14 -13.64 3.90
C SER B 95 18.30 -13.20 5.11
N ILE B 96 17.51 -12.15 4.92
CA ILE B 96 16.67 -11.60 5.98
C ILE B 96 15.51 -12.45 6.44
N ALA B 97 15.51 -12.78 7.73
CA ALA B 97 14.44 -13.56 8.35
C ALA B 97 13.51 -12.65 9.15
N ALA B 98 14.06 -11.66 9.84
CA ALA B 98 13.26 -10.74 10.65
C ALA B 98 14.00 -9.43 10.77
N ILE B 99 13.27 -8.36 11.08
CA ILE B 99 13.85 -7.04 11.23
C ILE B 99 13.25 -6.30 12.44
N SER B 100 14.03 -5.46 13.09
CA SER B 100 13.53 -4.67 14.21
C SER B 100 13.97 -3.23 14.03
N MET B 101 13.11 -2.31 14.45
CA MET B 101 13.37 -0.86 14.35
C MET B 101 12.99 -0.24 15.68
N LYS B 102 13.84 0.64 16.20
CA LYS B 102 13.59 1.27 17.50
C LYS B 102 13.72 2.78 17.45
N ASN B 103 12.77 3.49 18.07
CA ASN B 103 12.84 4.95 18.11
C ASN B 103 12.53 5.56 19.49
N ALA C 1 -23.79 -2.75 15.37
CA ALA C 1 -22.36 -3.16 15.47
C ALA C 1 -21.67 -2.35 16.56
N PRO C 2 -20.61 -2.89 17.19
CA PRO C 2 -19.91 -2.17 18.25
C PRO C 2 -19.49 -0.77 17.78
N GLN C 3 -19.46 0.18 18.70
CA GLN C 3 -19.12 1.56 18.36
C GLN C 3 -17.81 2.02 18.93
N THR C 4 -17.19 1.20 19.78
CA THR C 4 -15.90 1.57 20.36
C THR C 4 -15.09 0.31 20.58
N ILE C 5 -13.79 0.51 20.84
CA ILE C 5 -12.87 -0.58 21.08
C ILE C 5 -13.26 -1.34 22.37
N THR C 6 -13.72 -0.61 23.38
CA THR C 6 -14.12 -1.25 24.63
C THR C 6 -15.31 -2.15 24.39
N GLU C 7 -16.23 -1.69 23.55
CA GLU C 7 -17.42 -2.46 23.28
C GLU C 7 -17.06 -3.73 22.52
N LEU C 8 -16.20 -3.64 21.53
CA LEU C 8 -15.86 -4.87 20.86
C LEU C 8 -14.98 -5.78 21.75
N CYS C 9 -14.16 -5.18 22.61
CA CYS C 9 -13.30 -5.97 23.51
C CYS C 9 -14.17 -6.74 24.50
N SER C 10 -15.23 -6.09 24.96
CA SER C 10 -16.12 -6.69 25.92
C SER C 10 -16.93 -7.86 25.41
N GLU C 11 -16.92 -8.04 24.12
CA GLU C 11 -17.67 -9.14 23.55
C GLU C 11 -16.92 -10.41 23.87
N TYR C 12 -15.66 -10.22 24.23
CA TYR C 12 -14.81 -11.35 24.51
C TYR C 12 -14.50 -11.99 25.76
N ARG C 13 -14.14 -13.25 25.54
CA ARG C 13 -13.70 -14.19 26.53
C ARG C 13 -12.16 -14.05 26.48
N ASN C 14 -11.62 -13.69 27.62
CA ASN C 14 -10.18 -13.58 27.78
C ASN C 14 -9.49 -12.40 27.06
N THR C 15 -10.07 -11.21 27.16
CA THR C 15 -9.47 -10.02 26.56
C THR C 15 -9.39 -8.92 27.59
N GLN C 16 -8.63 -7.88 27.29
CA GLN C 16 -8.56 -6.75 28.19
C GLN C 16 -8.07 -5.54 27.42
N ILE C 17 -8.41 -4.38 27.95
CA ILE C 17 -8.04 -3.12 27.36
C ILE C 17 -6.78 -2.57 28.01
N TYR C 18 -5.88 -2.08 27.16
CA TYR C 18 -4.64 -1.48 27.63
C TYR C 18 -4.67 -0.05 27.15
N THR C 19 -4.56 0.91 28.07
CA THR C 19 -4.52 2.30 27.67
C THR C 19 -3.04 2.53 27.43
N ILE C 20 -2.72 2.82 26.15
CA ILE C 20 -1.34 3.04 25.76
C ILE C 20 -0.98 4.51 25.79
N ASN C 21 -1.77 5.32 25.09
CA ASN C 21 -1.52 6.75 25.00
C ASN C 21 -0.03 7.04 24.78
N ASP C 22 0.55 6.46 23.74
CA ASP C 22 1.96 6.64 23.46
C ASP C 22 2.28 6.07 22.09
N LYS C 23 3.38 6.54 21.51
CA LYS C 23 3.83 6.06 20.22
C LYS C 23 4.55 4.75 20.47
N ILE C 24 4.70 3.95 19.43
CA ILE C 24 5.36 2.67 19.53
C ILE C 24 6.85 2.90 19.68
N LEU C 25 7.44 2.20 20.64
CA LEU C 25 8.88 2.26 20.88
C LEU C 25 9.66 1.43 19.84
N SER C 26 9.27 0.17 19.65
CA SER C 26 9.96 -0.65 18.67
C SER C 26 9.00 -1.49 17.88
N TYR C 27 9.42 -1.84 16.67
CA TYR C 27 8.63 -2.63 15.74
C TYR C 27 9.49 -3.76 15.23
N THR C 28 8.96 -4.98 15.29
CA THR C 28 9.68 -6.15 14.85
C THR C 28 8.81 -6.91 13.88
N GLU C 29 9.40 -7.34 12.78
CA GLU C 29 8.67 -8.06 11.74
C GLU C 29 9.44 -9.31 11.31
N SER C 30 8.79 -10.44 11.33
CA SER C 30 9.43 -11.69 10.94
C SER C 30 8.75 -12.41 9.78
N MET C 31 9.56 -12.88 8.82
CA MET C 31 9.04 -13.66 7.71
C MET C 31 9.55 -15.10 7.85
N ALA C 32 10.08 -15.43 9.04
CA ALA C 32 10.57 -16.77 9.30
C ALA C 32 9.39 -17.75 9.36
N GLY C 33 9.61 -18.93 8.81
CA GLY C 33 8.57 -19.96 8.78
C GLY C 33 7.96 -20.28 10.13
N LYS C 34 6.64 -20.23 10.19
CA LYS C 34 5.89 -20.51 11.41
C LYS C 34 6.00 -19.39 12.43
N ARG C 35 6.69 -18.31 12.07
CA ARG C 35 6.78 -17.17 12.95
C ARG C 35 6.58 -15.88 12.13
N GLU C 36 5.65 -15.95 11.19
CA GLU C 36 5.29 -14.82 10.33
C GLU C 36 4.41 -13.94 11.20
N MET C 37 5.04 -12.99 11.89
CA MET C 37 4.34 -12.13 12.83
C MET C 37 4.97 -10.76 13.00
N VAL C 38 4.30 -9.93 13.78
CA VAL C 38 4.78 -8.59 14.13
C VAL C 38 4.70 -8.48 15.65
N ILE C 39 5.72 -7.87 16.24
CA ILE C 39 5.81 -7.64 17.69
C ILE C 39 6.09 -6.16 17.88
N ILE C 40 5.37 -5.49 18.78
CA ILE C 40 5.63 -4.07 19.06
C ILE C 40 5.84 -3.91 20.56
N THR C 41 6.60 -2.90 20.96
CA THR C 41 6.82 -2.65 22.39
C THR C 41 6.64 -1.18 22.64
N PHE C 42 6.38 -0.83 23.91
CA PHE C 42 6.22 0.55 24.31
C PHE C 42 7.20 0.86 25.46
N LYS C 43 7.46 2.14 25.67
CA LYS C 43 8.37 2.59 26.72
C LYS C 43 7.97 2.03 28.09
N SER C 44 6.70 1.71 28.27
CA SER C 44 6.20 1.14 29.53
C SER C 44 6.82 -0.25 29.75
N GLY C 45 7.26 -0.85 28.66
CA GLY C 45 7.85 -2.20 28.71
C GLY C 45 6.85 -3.23 28.17
N GLU C 46 5.58 -2.83 28.05
CA GLU C 46 4.55 -3.71 27.53
C GLU C 46 4.88 -4.12 26.09
N THR C 47 4.63 -5.39 25.78
CA THR C 47 4.92 -5.97 24.47
C THR C 47 3.69 -6.67 23.91
N PHE C 48 3.42 -6.48 22.63
CA PHE C 48 2.25 -7.10 22.02
C PHE C 48 2.60 -7.68 20.66
N GLN C 49 1.71 -8.53 20.12
CA GLN C 49 1.94 -9.15 18.83
C GLN C 49 0.67 -9.24 18.02
N VAL C 50 0.84 -9.50 16.74
CA VAL C 50 -0.29 -9.79 15.87
C VAL C 50 0.14 -11.22 15.59
N GLU C 51 -0.63 -12.17 16.08
CA GLU C 51 -0.32 -13.60 15.93
C GLU C 51 -0.19 -14.13 14.49
N VAL C 52 0.56 -15.22 14.36
CA VAL C 52 0.73 -15.92 13.10
C VAL C 52 -0.67 -16.46 12.82
N PRO C 53 -1.14 -16.42 11.56
CA PRO C 53 -2.49 -16.94 11.26
C PRO C 53 -2.51 -18.41 11.70
N GLY C 54 -3.58 -18.84 12.35
CA GLY C 54 -3.63 -20.21 12.83
C GLY C 54 -5.01 -20.79 12.88
N SER C 55 -5.12 -22.04 13.33
CA SER C 55 -6.40 -22.72 13.41
C SER C 55 -7.47 -22.04 14.24
N GLN C 56 -7.06 -21.19 15.18
CA GLN C 56 -8.03 -20.50 16.03
C GLN C 56 -8.73 -19.37 15.29
N HIS C 57 -8.19 -18.96 14.16
CA HIS C 57 -8.76 -17.88 13.37
C HIS C 57 -9.82 -18.31 12.38
N ILE C 58 -10.89 -17.52 12.24
CA ILE C 58 -11.88 -17.84 11.23
C ILE C 58 -11.39 -17.17 9.93
N ASP C 59 -11.83 -17.69 8.81
CA ASP C 59 -11.41 -17.18 7.51
C ASP C 59 -11.45 -15.67 7.31
N SER C 60 -12.51 -15.02 7.75
CA SER C 60 -12.67 -13.59 7.58
C SER C 60 -11.59 -12.82 8.32
N GLN C 61 -10.89 -13.48 9.24
CA GLN C 61 -9.83 -12.79 9.95
C GLN C 61 -8.51 -12.70 9.19
N LYS C 62 -8.30 -13.61 8.24
CA LYS C 62 -7.05 -13.59 7.46
C LYS C 62 -6.67 -12.21 6.88
N LYS C 63 -7.61 -11.57 6.19
CA LYS C 63 -7.34 -10.27 5.58
C LYS C 63 -7.13 -9.23 6.68
N ALA C 64 -7.91 -9.33 7.74
CA ALA C 64 -7.81 -8.38 8.86
C ALA C 64 -6.44 -8.49 9.56
N ILE C 65 -5.92 -9.71 9.66
CA ILE C 65 -4.61 -9.90 10.28
C ILE C 65 -3.56 -9.11 9.49
N GLU C 66 -3.59 -9.22 8.16
CA GLU C 66 -2.64 -8.50 7.31
C GLU C 66 -2.85 -6.97 7.45
N ARG C 67 -4.11 -6.54 7.53
CA ARG C 67 -4.39 -5.10 7.70
C ARG C 67 -3.79 -4.59 9.01
N MET C 68 -4.01 -5.32 10.11
CA MET C 68 -3.49 -4.90 11.42
C MET C 68 -1.98 -4.72 11.38
N LYS C 69 -1.28 -5.64 10.71
CA LYS C 69 0.18 -5.52 10.61
C LYS C 69 0.55 -4.28 9.78
N ASP C 70 -0.22 -4.01 8.73
CA ASP C 70 0.01 -2.80 7.92
C ASP C 70 -0.14 -1.55 8.81
N THR C 71 -1.19 -1.53 9.62
CA THR C 71 -1.44 -0.39 10.52
C THR C 71 -0.32 -0.15 11.53
N LEU C 72 0.17 -1.24 12.14
CA LEU C 72 1.23 -1.12 13.14
C LEU C 72 2.52 -0.53 12.55
N ARG C 73 2.86 -0.91 11.32
CA ARG C 73 4.08 -0.41 10.67
C ARG C 73 3.99 1.08 10.36
N ILE C 74 2.91 1.50 9.71
CA ILE C 74 2.75 2.91 9.36
C ILE C 74 2.60 3.74 10.63
N THR C 75 1.95 3.18 11.65
CA THR C 75 1.78 3.87 12.93
C THR C 75 3.16 4.03 13.54
N TYR C 76 3.99 2.99 13.46
CA TYR C 76 5.33 3.11 14.01
C TYR C 76 6.16 4.14 13.23
N LEU C 77 6.13 4.03 11.90
CA LEU C 77 6.91 4.91 11.06
C LEU C 77 6.51 6.36 11.16
N THR C 78 5.25 6.64 11.43
CA THR C 78 4.78 8.01 11.54
C THR C 78 4.79 8.53 12.97
N GLU C 79 5.18 7.68 13.92
CA GLU C 79 5.27 8.10 15.30
C GLU C 79 3.91 8.54 15.84
N THR C 80 2.88 7.90 15.31
CA THR C 80 1.52 8.17 15.71
C THR C 80 1.21 7.55 17.09
N LYS C 81 0.56 8.33 17.92
CA LYS C 81 0.19 7.92 19.27
C LYS C 81 -0.98 6.94 19.25
N ILE C 82 -0.84 5.83 19.94
CA ILE C 82 -1.90 4.84 20.01
C ILE C 82 -2.69 5.17 21.27
N ASP C 83 -4.01 5.06 21.21
CA ASP C 83 -4.82 5.32 22.41
C ASP C 83 -4.93 4.01 23.21
N LYS C 84 -5.74 3.10 22.71
CA LYS C 84 -5.95 1.83 23.38
C LYS C 84 -5.72 0.65 22.46
N LEU C 85 -5.52 -0.51 23.10
CA LEU C 85 -5.35 -1.77 22.40
C LEU C 85 -6.23 -2.79 23.11
N CYS C 86 -7.01 -3.56 22.35
CA CYS C 86 -7.79 -4.63 22.93
C CYS C 86 -6.97 -5.88 22.65
N VAL C 87 -6.64 -6.66 23.68
CA VAL C 87 -5.84 -7.86 23.43
C VAL C 87 -6.41 -9.10 24.09
N TRP C 88 -6.14 -10.26 23.49
CA TRP C 88 -6.55 -11.54 24.08
C TRP C 88 -5.42 -11.79 25.08
N ASN C 89 -5.77 -12.00 26.34
CA ASN C 89 -4.76 -12.18 27.38
C ASN C 89 -4.30 -13.59 27.66
N ASN C 90 -4.64 -14.53 26.79
CA ASN C 90 -4.21 -15.90 26.98
C ASN C 90 -3.02 -16.21 26.08
N LYS C 91 -2.33 -15.17 25.60
CA LYS C 91 -1.16 -15.35 24.74
C LYS C 91 -0.04 -14.41 25.17
N THR C 92 1.20 -14.85 24.95
CA THR C 92 2.35 -14.02 25.26
C THR C 92 3.26 -14.00 24.04
N PRO C 93 3.53 -12.81 23.50
CA PRO C 93 3.02 -11.51 23.95
C PRO C 93 1.50 -11.41 23.79
N ASN C 94 0.89 -10.52 24.55
CA ASN C 94 -0.55 -10.31 24.45
C ASN C 94 -0.87 -10.04 23.01
N SER C 95 -1.91 -10.69 22.54
CA SER C 95 -2.36 -10.66 21.15
C SER C 95 -3.36 -9.56 20.83
N ILE C 96 -2.99 -8.73 19.86
CA ILE C 96 -3.83 -7.61 19.48
C ILE C 96 -5.09 -8.03 18.77
N ALA C 97 -6.23 -7.58 19.31
CA ALA C 97 -7.55 -7.84 18.72
C ALA C 97 -8.02 -6.57 18.01
N ALA C 98 -7.75 -5.42 18.63
CA ALA C 98 -8.15 -4.14 18.05
C ALA C 98 -7.26 -3.01 18.55
N ILE C 99 -7.25 -1.91 17.80
CA ILE C 99 -6.46 -0.75 18.14
C ILE C 99 -7.30 0.52 17.92
N SER C 100 -7.06 1.54 18.73
CA SER C 100 -7.77 2.80 18.58
C SER C 100 -6.73 3.92 18.72
N MET C 101 -6.99 5.02 18.05
CA MET C 101 -6.08 6.16 18.08
C MET C 101 -6.91 7.41 17.96
N LYS C 102 -6.55 8.44 18.72
CA LYS C 102 -7.26 9.71 18.63
C LYS C 102 -6.31 10.88 18.59
N ASN C 103 -6.75 11.97 17.96
CA ASN C 103 -5.92 13.17 17.87
C ASN C 103 -6.72 14.47 17.72
N ALA D 1 -22.47 8.18 -15.33
CA ALA D 1 -22.17 7.85 -13.91
C ALA D 1 -22.38 9.12 -13.12
N PRO D 2 -22.55 9.00 -11.78
CA PRO D 2 -22.75 10.18 -10.95
C PRO D 2 -21.55 11.12 -11.10
N GLN D 3 -21.80 12.41 -10.89
CA GLN D 3 -20.76 13.42 -11.02
C GLN D 3 -20.26 13.81 -9.65
N THR D 4 -21.08 13.63 -8.63
CA THR D 4 -20.73 14.04 -7.28
C THR D 4 -21.17 12.99 -6.27
N ILE D 5 -20.77 13.13 -5.02
CA ILE D 5 -21.18 12.17 -4.00
C ILE D 5 -22.69 12.30 -3.74
N THR D 6 -23.24 13.51 -3.87
CA THR D 6 -24.67 13.73 -3.66
C THR D 6 -25.45 12.98 -4.73
N GLU D 7 -25.03 13.10 -5.99
CA GLU D 7 -25.74 12.36 -7.04
C GLU D 7 -25.64 10.85 -6.78
N LEU D 8 -24.45 10.38 -6.44
CA LEU D 8 -24.25 8.96 -6.17
C LEU D 8 -25.14 8.50 -5.03
N CYS D 9 -25.12 9.23 -3.92
CA CYS D 9 -25.94 8.87 -2.77
C CYS D 9 -27.45 8.78 -3.06
N SER D 10 -27.93 9.63 -3.96
CA SER D 10 -29.38 9.68 -4.30
C SER D 10 -29.91 8.47 -5.06
N GLU D 11 -29.00 7.67 -5.59
CA GLU D 11 -29.41 6.51 -6.36
C GLU D 11 -29.83 5.36 -5.48
N TYR D 12 -29.51 5.43 -4.18
CA TYR D 12 -29.80 4.35 -3.26
C TYR D 12 -30.90 4.60 -2.24
N ARG D 13 -31.49 3.52 -1.77
CA ARG D 13 -32.51 3.61 -0.74
C ARG D 13 -31.76 3.60 0.59
N ASN D 14 -32.39 4.16 1.63
CA ASN D 14 -31.79 4.17 2.98
C ASN D 14 -30.41 4.81 3.11
N THR D 15 -30.15 5.86 2.34
CA THR D 15 -28.88 6.55 2.46
C THR D 15 -29.12 8.03 2.72
N GLN D 16 -28.09 8.72 3.17
CA GLN D 16 -28.21 10.16 3.36
C GLN D 16 -26.82 10.73 3.46
N ILE D 17 -26.70 11.98 3.09
CA ILE D 17 -25.43 12.68 3.14
C ILE D 17 -25.25 13.36 4.50
N TYR D 18 -24.08 13.17 5.10
CA TYR D 18 -23.72 13.85 6.34
C TYR D 18 -22.61 14.80 5.93
N THR D 19 -22.77 16.09 6.18
CA THR D 19 -21.72 17.05 5.85
C THR D 19 -20.84 17.10 7.07
N ILE D 20 -19.63 16.61 6.91
CA ILE D 20 -18.66 16.53 7.99
C ILE D 20 -17.77 17.77 8.09
N ASN D 21 -17.04 18.07 7.02
CA ASN D 21 -16.15 19.23 6.98
C ASN D 21 -15.25 19.24 8.22
N ASP D 22 -14.65 18.09 8.51
CA ASP D 22 -13.79 17.99 9.67
C ASP D 22 -12.91 16.74 9.56
N LYS D 23 -11.77 16.73 10.25
CA LYS D 23 -10.91 15.55 10.23
C LYS D 23 -11.48 14.54 11.21
N ILE D 24 -11.05 13.28 11.08
CA ILE D 24 -11.51 12.21 11.97
C ILE D 24 -10.94 12.42 13.37
N LEU D 25 -11.78 12.24 14.38
CA LEU D 25 -11.34 12.41 15.76
C LEU D 25 -10.69 11.12 16.25
N SER D 26 -11.36 9.99 16.03
CA SER D 26 -10.85 8.68 16.45
C SER D 26 -11.00 7.65 15.36
N TYR D 27 -10.00 6.78 15.27
CA TYR D 27 -9.97 5.71 14.30
C TYR D 27 -9.82 4.42 15.11
N THR D 28 -10.69 3.45 14.83
CA THR D 28 -10.65 2.16 15.52
C THR D 28 -10.70 1.06 14.47
N GLU D 29 -9.81 0.08 14.64
CA GLU D 29 -9.70 -1.02 13.71
C GLU D 29 -9.69 -2.34 14.46
N SER D 30 -10.55 -3.26 14.06
CA SER D 30 -10.65 -4.55 14.72
C SER D 30 -10.40 -5.73 13.80
N MET D 31 -9.63 -6.70 14.30
CA MET D 31 -9.35 -7.91 13.56
C MET D 31 -10.01 -9.08 14.29
N ALA D 32 -10.88 -8.77 15.25
CA ALA D 32 -11.60 -9.80 15.99
C ALA D 32 -12.67 -10.42 15.08
N GLY D 33 -12.79 -11.75 15.18
CA GLY D 33 -13.72 -12.51 14.37
C GLY D 33 -15.12 -11.93 14.32
N LYS D 34 -15.70 -11.86 13.13
CA LYS D 34 -17.03 -11.29 12.94
C LYS D 34 -17.08 -9.77 13.20
N ARG D 35 -15.94 -9.18 13.56
CA ARG D 35 -15.91 -7.74 13.79
C ARG D 35 -14.72 -7.12 13.07
N GLU D 36 -14.42 -7.66 11.89
CA GLU D 36 -13.31 -7.18 11.05
C GLU D 36 -13.83 -5.91 10.44
N MET D 37 -13.59 -4.79 11.12
CA MET D 37 -14.15 -3.52 10.70
C MET D 37 -13.35 -2.29 11.16
N VAL D 38 -13.78 -1.12 10.68
CA VAL D 38 -13.17 0.13 11.08
C VAL D 38 -14.28 1.07 11.54
N ILE D 39 -14.02 1.76 12.66
CA ILE D 39 -14.99 2.69 13.23
C ILE D 39 -14.33 4.05 13.32
N ILE D 40 -14.99 5.08 12.81
CA ILE D 40 -14.42 6.42 12.92
C ILE D 40 -15.39 7.32 13.69
N THR D 41 -14.86 8.30 14.42
CA THR D 41 -15.72 9.21 15.15
C THR D 41 -15.26 10.62 14.85
N PHE D 42 -16.17 11.58 15.06
CA PHE D 42 -15.91 12.99 14.85
C PHE D 42 -16.31 13.74 16.10
N LYS D 43 -15.75 14.93 16.31
CA LYS D 43 -16.05 15.69 17.50
C LYS D 43 -17.49 16.12 17.58
N SER D 44 -18.21 16.03 16.45
CA SER D 44 -19.63 16.39 16.41
C SER D 44 -20.40 15.36 17.23
N GLY D 45 -19.81 14.19 17.38
CA GLY D 45 -20.45 13.11 18.12
C GLY D 45 -20.94 12.00 17.21
N GLU D 46 -20.77 12.16 15.90
CA GLU D 46 -21.23 11.15 14.95
C GLU D 46 -20.20 10.02 14.78
N THR D 47 -20.68 8.78 14.77
CA THR D 47 -19.85 7.61 14.62
C THR D 47 -20.27 6.86 13.36
N PHE D 48 -19.30 6.39 12.58
CA PHE D 48 -19.61 5.66 11.35
C PHE D 48 -18.76 4.42 11.24
N GLN D 49 -19.25 3.44 10.50
CA GLN D 49 -18.50 2.20 10.32
C GLN D 49 -18.36 1.79 8.86
N VAL D 50 -17.35 1.00 8.58
CA VAL D 50 -17.22 0.37 7.28
C VAL D 50 -17.64 -1.03 7.76
N GLU D 51 -18.77 -1.52 7.29
CA GLU D 51 -19.28 -2.82 7.72
C GLU D 51 -18.39 -4.03 7.45
N VAL D 52 -18.58 -5.05 8.29
CA VAL D 52 -17.91 -6.33 8.16
C VAL D 52 -18.52 -6.89 6.85
N PRO D 53 -17.70 -7.50 5.98
CA PRO D 53 -18.28 -8.03 4.76
C PRO D 53 -19.37 -9.04 5.09
N GLY D 54 -20.52 -8.91 4.43
CA GLY D 54 -21.63 -9.81 4.69
C GLY D 54 -22.31 -10.21 3.41
N SER D 55 -23.35 -11.04 3.52
CA SER D 55 -24.06 -11.52 2.33
C SER D 55 -24.80 -10.42 1.57
N GLN D 56 -24.94 -9.25 2.18
CA GLN D 56 -25.64 -8.19 1.47
C GLN D 56 -24.73 -7.62 0.40
N HIS D 57 -23.41 -7.81 0.58
CA HIS D 57 -22.45 -7.29 -0.38
C HIS D 57 -22.25 -8.19 -1.60
N ILE D 58 -22.14 -7.56 -2.76
CA ILE D 58 -21.91 -8.28 -4.01
C ILE D 58 -20.41 -8.40 -4.22
N ASP D 59 -19.97 -9.27 -5.12
CA ASP D 59 -18.55 -9.49 -5.32
C ASP D 59 -17.70 -8.27 -5.65
N SER D 60 -18.23 -7.37 -6.46
CA SER D 60 -17.49 -6.17 -6.82
C SER D 60 -17.23 -5.26 -5.61
N GLN D 61 -17.97 -5.43 -4.54
CA GLN D 61 -17.75 -4.57 -3.37
C GLN D 61 -16.59 -5.01 -2.46
N LYS D 62 -16.18 -6.28 -2.57
CA LYS D 62 -15.11 -6.80 -1.72
C LYS D 62 -13.83 -5.96 -1.72
N LYS D 63 -13.28 -5.68 -2.91
CA LYS D 63 -12.08 -4.83 -2.97
C LYS D 63 -12.40 -3.39 -2.55
N ALA D 64 -13.61 -2.94 -2.84
CA ALA D 64 -14.01 -1.57 -2.48
C ALA D 64 -14.07 -1.39 -0.95
N ILE D 65 -14.59 -2.40 -0.26
CA ILE D 65 -14.65 -2.35 1.20
C ILE D 65 -13.22 -2.22 1.74
N GLU D 66 -12.28 -3.02 1.23
CA GLU D 66 -10.90 -2.93 1.68
C GLU D 66 -10.30 -1.57 1.36
N ARG D 67 -10.65 -1.02 0.20
CA ARG D 67 -10.12 0.30 -0.18
C ARG D 67 -10.61 1.38 0.78
N MET D 68 -11.91 1.34 1.10
CA MET D 68 -12.48 2.34 1.99
C MET D 68 -11.75 2.35 3.32
N LYS D 69 -11.43 1.15 3.84
CA LYS D 69 -10.73 1.07 5.10
C LYS D 69 -9.31 1.65 4.97
N ASP D 70 -8.67 1.38 3.85
CA ASP D 70 -7.35 1.94 3.61
C ASP D 70 -7.45 3.45 3.62
N THR D 71 -8.44 3.99 2.91
CA THR D 71 -8.65 5.42 2.84
C THR D 71 -8.90 6.05 4.22
N LEU D 72 -9.72 5.42 5.03
CA LEU D 72 -9.98 6.02 6.33
C LEU D 72 -8.72 6.11 7.19
N ARG D 73 -7.93 5.05 7.16
CA ARG D 73 -6.69 5.00 7.93
C ARG D 73 -5.73 6.11 7.49
N ILE D 74 -5.47 6.23 6.19
CA ILE D 74 -4.54 7.27 5.77
C ILE D 74 -5.13 8.65 5.99
N THR D 75 -6.45 8.79 5.83
CA THR D 75 -7.12 10.08 6.05
C THR D 75 -6.94 10.47 7.53
N TYR D 76 -7.14 9.51 8.42
CA TYR D 76 -6.94 9.79 9.84
C TYR D 76 -5.50 10.18 10.16
N LEU D 77 -4.57 9.34 9.74
CA LEU D 77 -3.16 9.58 10.02
C LEU D 77 -2.65 10.92 9.54
N THR D 78 -3.16 11.40 8.41
CA THR D 78 -2.73 12.67 7.84
C THR D 78 -3.57 13.83 8.31
N GLU D 79 -4.58 13.54 9.13
CA GLU D 79 -5.46 14.58 9.64
C GLU D 79 -6.16 15.31 8.50
N THR D 80 -6.46 14.60 7.44
CA THR D 80 -7.11 15.16 6.29
C THR D 80 -8.60 15.41 6.56
N LYS D 81 -9.11 16.56 6.14
CA LYS D 81 -10.51 16.91 6.32
C LYS D 81 -11.43 16.07 5.42
N ILE D 82 -12.52 15.59 5.98
CA ILE D 82 -13.50 14.84 5.20
C ILE D 82 -14.64 15.84 4.91
N ASP D 83 -15.10 15.90 3.66
CA ASP D 83 -16.17 16.84 3.34
C ASP D 83 -17.51 16.21 3.63
N LYS D 84 -17.84 15.17 2.88
CA LYS D 84 -19.11 14.49 3.07
C LYS D 84 -18.98 12.99 3.17
N LEU D 85 -20.01 12.38 3.77
CA LEU D 85 -20.07 10.94 3.84
C LEU D 85 -21.48 10.57 3.40
N CYS D 86 -21.59 9.62 2.45
CA CYS D 86 -22.88 9.09 2.02
C CYS D 86 -22.96 7.81 2.83
N VAL D 87 -23.99 7.68 3.66
CA VAL D 87 -24.10 6.50 4.54
C VAL D 87 -25.47 5.84 4.51
N TRP D 88 -25.49 4.53 4.77
CA TRP D 88 -26.72 3.76 4.85
C TRP D 88 -27.20 3.99 6.25
N ASN D 89 -28.42 4.49 6.41
CA ASN D 89 -28.96 4.79 7.72
C ASN D 89 -29.81 3.65 8.32
N ASN D 90 -29.74 2.48 7.72
CA ASN D 90 -30.49 1.36 8.29
C ASN D 90 -29.52 0.50 9.05
N LYS D 91 -28.39 1.08 9.45
CA LYS D 91 -27.38 0.35 10.21
C LYS D 91 -26.91 1.26 11.35
N THR D 92 -26.48 0.67 12.46
CA THR D 92 -25.94 1.43 13.58
C THR D 92 -24.61 0.83 14.03
N PRO D 93 -23.53 1.61 13.99
CA PRO D 93 -23.53 3.00 13.53
C PRO D 93 -23.74 3.10 12.01
N ASN D 94 -24.07 4.28 11.54
CA ASN D 94 -24.28 4.51 10.12
C ASN D 94 -23.14 3.90 9.33
N SER D 95 -23.50 3.25 8.23
CA SER D 95 -22.55 2.55 7.39
C SER D 95 -22.10 3.38 6.21
N ILE D 96 -20.79 3.55 6.05
CA ILE D 96 -20.28 4.35 4.95
C ILE D 96 -20.43 3.72 3.56
N ALA D 97 -21.06 4.46 2.64
CA ALA D 97 -21.22 4.02 1.25
C ALA D 97 -20.18 4.74 0.37
N ALA D 98 -19.90 6.00 0.70
CA ALA D 98 -18.93 6.82 -0.04
C ALA D 98 -18.39 8.00 0.80
N ILE D 99 -17.26 8.56 0.38
CA ILE D 99 -16.64 9.71 1.05
C ILE D 99 -16.17 10.69 0.00
N SER D 100 -16.11 11.95 0.38
CA SER D 100 -15.59 13.01 -0.50
C SER D 100 -14.71 13.85 0.40
N MET D 101 -13.64 14.38 -0.18
CA MET D 101 -12.68 15.23 0.53
C MET D 101 -12.31 16.35 -0.44
N LYS D 102 -12.26 17.60 0.05
CA LYS D 102 -11.90 18.75 -0.77
C LYS D 102 -10.74 19.48 -0.10
N ASN D 103 -9.81 20.01 -0.89
CA ASN D 103 -8.64 20.69 -0.32
C ASN D 103 -8.99 22.00 0.38
N ALA E 1 6.56 0.32 -27.54
CA ALA E 1 5.48 0.88 -26.69
C ALA E 1 5.50 2.39 -26.77
N PRO E 2 4.37 3.04 -26.40
CA PRO E 2 4.37 4.51 -26.47
C PRO E 2 5.44 5.10 -25.54
N GLN E 3 5.88 6.31 -25.87
CA GLN E 3 6.91 6.96 -25.07
C GLN E 3 6.41 8.16 -24.29
N THR E 4 5.18 8.60 -24.57
CA THR E 4 4.61 9.75 -23.88
C THR E 4 3.12 9.45 -23.73
N ILE E 5 2.47 10.20 -22.85
CA ILE E 5 1.04 10.02 -22.62
C ILE E 5 0.27 10.38 -23.91
N THR E 6 0.72 11.39 -24.65
CA THR E 6 0.05 11.80 -25.90
C THR E 6 0.14 10.67 -26.90
N GLU E 7 1.30 10.05 -26.99
CA GLU E 7 1.50 8.94 -27.90
C GLU E 7 0.52 7.82 -27.55
N LEU E 8 0.44 7.52 -26.26
CA LEU E 8 -0.45 6.50 -25.79
C LEU E 8 -1.91 6.86 -26.09
N CYS E 9 -2.32 8.06 -25.71
CA CYS E 9 -3.70 8.51 -25.92
C CYS E 9 -4.16 8.47 -27.37
N SER E 10 -3.26 8.86 -28.28
CA SER E 10 -3.56 8.87 -29.71
C SER E 10 -3.82 7.49 -30.29
N GLU E 11 -3.57 6.46 -29.48
CA GLU E 11 -3.81 5.10 -29.93
C GLU E 11 -5.28 4.64 -29.80
N TYR E 12 -6.10 5.41 -29.10
CA TYR E 12 -7.49 5.01 -28.89
C TYR E 12 -8.43 6.07 -29.42
N ARG E 13 -9.59 5.68 -29.95
CA ARG E 13 -10.54 6.69 -30.42
C ARG E 13 -11.36 7.14 -29.21
N ASN E 14 -12.15 8.19 -29.37
CA ASN E 14 -12.97 8.69 -28.27
C ASN E 14 -12.14 9.13 -27.07
N THR E 15 -10.93 9.64 -27.32
CA THR E 15 -10.10 10.12 -26.24
C THR E 15 -9.59 11.53 -26.50
N GLN E 16 -9.10 12.16 -25.43
CA GLN E 16 -8.50 13.47 -25.54
C GLN E 16 -7.70 13.72 -24.28
N ILE E 17 -6.69 14.58 -24.43
CA ILE E 17 -5.79 14.94 -23.35
C ILE E 17 -6.25 16.23 -22.73
N TYR E 18 -6.40 16.23 -21.41
CA TYR E 18 -6.72 17.43 -20.67
C TYR E 18 -5.40 17.79 -19.99
N THR E 19 -4.90 18.98 -20.27
CA THR E 19 -3.65 19.44 -19.67
C THR E 19 -4.03 20.18 -18.41
N ILE E 20 -4.08 19.41 -17.33
CA ILE E 20 -4.47 19.87 -16.01
C ILE E 20 -3.53 20.85 -15.34
N ASN E 21 -2.27 20.47 -15.21
CA ASN E 21 -1.27 21.30 -14.55
C ASN E 21 -1.83 21.84 -13.22
N ASP E 22 -2.28 20.94 -12.34
CA ASP E 22 -2.85 21.38 -11.08
C ASP E 22 -3.09 20.17 -10.19
N LYS E 23 -3.22 20.42 -8.90
CA LYS E 23 -3.51 19.34 -7.97
C LYS E 23 -5.03 19.09 -8.06
N ILE E 24 -5.48 18.01 -7.44
CA ILE E 24 -6.89 17.67 -7.42
C ILE E 24 -7.65 18.53 -6.37
N LEU E 25 -8.78 19.07 -6.78
CA LEU E 25 -9.59 19.88 -5.88
C LEU E 25 -10.41 18.98 -4.93
N SER E 26 -11.03 17.94 -5.47
CA SER E 26 -11.82 17.03 -4.64
C SER E 26 -11.67 15.57 -5.06
N TYR E 27 -11.70 14.70 -4.05
CA TYR E 27 -11.58 13.26 -4.26
C TYR E 27 -12.82 12.58 -3.66
N THR E 28 -13.53 11.80 -4.46
CA THR E 28 -14.70 11.07 -4.00
C THR E 28 -14.50 9.59 -4.28
N GLU E 29 -14.79 8.75 -3.27
CA GLU E 29 -14.61 7.31 -3.41
C GLU E 29 -15.88 6.60 -2.92
N SER E 30 -16.34 5.63 -3.68
CA SER E 30 -17.56 4.91 -3.37
C SER E 30 -17.43 3.40 -3.37
N MET E 31 -17.97 2.75 -2.34
CA MET E 31 -17.97 1.30 -2.26
C MET E 31 -19.41 0.79 -2.41
N ALA E 32 -20.31 1.70 -2.81
CA ALA E 32 -21.70 1.34 -3.01
C ALA E 32 -21.84 0.38 -4.21
N GLY E 33 -22.70 -0.62 -4.06
CA GLY E 33 -22.92 -1.64 -5.07
C GLY E 33 -23.24 -1.09 -6.45
N LYS E 34 -22.46 -1.50 -7.45
CA LYS E 34 -22.62 -1.05 -8.85
C LYS E 34 -22.04 0.34 -9.07
N ARG E 35 -21.46 0.92 -8.02
CA ARG E 35 -20.84 2.24 -8.11
C ARG E 35 -19.52 2.28 -7.37
N GLU E 36 -18.76 1.19 -7.51
CA GLU E 36 -17.44 1.06 -6.88
C GLU E 36 -16.52 1.85 -7.81
N MET E 37 -16.36 3.14 -7.51
CA MET E 37 -15.60 4.03 -8.37
C MET E 37 -14.97 5.19 -7.64
N VAL E 38 -14.20 5.96 -8.37
CA VAL E 38 -13.56 7.15 -7.85
C VAL E 38 -13.89 8.31 -8.79
N ILE E 39 -14.18 9.46 -8.20
CA ILE E 39 -14.47 10.68 -8.96
C ILE E 39 -13.55 11.79 -8.46
N ILE E 40 -12.95 12.55 -9.37
CA ILE E 40 -12.08 13.66 -8.97
C ILE E 40 -12.50 14.92 -9.71
N THR E 41 -12.27 16.08 -9.12
CA THR E 41 -12.64 17.35 -9.77
C THR E 41 -11.48 18.30 -9.64
N PHE E 42 -11.47 19.31 -10.49
CA PHE E 42 -10.42 20.32 -10.47
C PHE E 42 -11.04 21.72 -10.41
N LYS E 43 -10.24 22.67 -10.01
CA LYS E 43 -10.62 24.07 -9.90
C LYS E 43 -11.14 24.60 -11.25
N SER E 44 -10.74 23.95 -12.33
CA SER E 44 -11.14 24.28 -13.70
C SER E 44 -12.62 24.00 -13.92
N GLY E 45 -13.19 23.14 -13.07
CA GLY E 45 -14.58 22.79 -13.21
C GLY E 45 -14.74 21.45 -13.93
N GLU E 46 -13.61 20.79 -14.21
CA GLU E 46 -13.68 19.50 -14.88
C GLU E 46 -13.83 18.39 -13.84
N THR E 47 -14.59 17.37 -14.20
CA THR E 47 -14.83 16.19 -13.37
C THR E 47 -14.45 14.94 -14.14
N PHE E 48 -13.76 14.02 -13.49
CA PHE E 48 -13.32 12.79 -14.15
C PHE E 48 -13.59 11.60 -13.25
N GLN E 49 -13.71 10.43 -13.83
CA GLN E 49 -13.97 9.22 -13.08
C GLN E 49 -13.09 8.07 -13.51
N VAL E 50 -12.87 7.15 -12.59
CA VAL E 50 -12.20 5.90 -12.93
C VAL E 50 -13.47 5.05 -12.97
N GLU E 51 -13.73 4.40 -14.09
CA GLU E 51 -14.96 3.60 -14.23
C GLU E 51 -15.07 2.35 -13.38
N VAL E 52 -16.33 2.01 -13.07
CA VAL E 52 -16.67 0.80 -12.34
C VAL E 52 -16.19 -0.32 -13.27
N PRO E 53 -15.50 -1.32 -12.75
CA PRO E 53 -15.03 -2.39 -13.64
C PRO E 53 -16.22 -3.01 -14.36
N GLY E 54 -16.10 -3.18 -15.68
CA GLY E 54 -17.18 -3.75 -16.43
C GLY E 54 -16.80 -4.51 -17.67
N SER E 55 -17.83 -4.84 -18.45
CA SER E 55 -17.74 -5.59 -19.68
C SER E 55 -16.71 -5.07 -20.65
N GLN E 56 -16.54 -3.76 -20.73
CA GLN E 56 -15.58 -3.22 -21.66
C GLN E 56 -14.14 -3.24 -21.19
N HIS E 57 -13.89 -3.73 -19.99
CA HIS E 57 -12.53 -3.80 -19.49
C HIS E 57 -12.02 -5.20 -19.72
N ILE E 58 -10.77 -5.34 -20.12
CA ILE E 58 -10.22 -6.68 -20.29
C ILE E 58 -9.58 -7.07 -18.98
N ASP E 59 -9.33 -8.37 -18.78
CA ASP E 59 -8.75 -8.87 -17.53
C ASP E 59 -7.52 -8.14 -17.04
N SER E 60 -6.61 -7.84 -17.96
CA SER E 60 -5.37 -7.16 -17.64
C SER E 60 -5.62 -5.78 -17.06
N GLN E 61 -6.78 -5.21 -17.32
CA GLN E 61 -7.08 -3.89 -16.80
C GLN E 61 -7.51 -3.85 -15.35
N LYS E 62 -7.98 -4.99 -14.82
CA LYS E 62 -8.44 -5.03 -13.44
C LYS E 62 -7.42 -4.50 -12.42
N LYS E 63 -6.19 -4.97 -12.46
CA LYS E 63 -5.17 -4.49 -11.51
C LYS E 63 -4.82 -3.05 -11.84
N ALA E 64 -4.86 -2.70 -13.12
CA ALA E 64 -4.52 -1.34 -13.51
C ALA E 64 -5.55 -0.36 -12.96
N ILE E 65 -6.83 -0.75 -13.01
CA ILE E 65 -7.94 0.07 -12.51
C ILE E 65 -7.73 0.36 -11.02
N GLU E 66 -7.42 -0.69 -10.26
CA GLU E 66 -7.17 -0.54 -8.85
C GLU E 66 -5.94 0.34 -8.60
N ARG E 67 -4.92 0.24 -9.47
CA ARG E 67 -3.72 1.05 -9.32
C ARG E 67 -4.03 2.52 -9.54
N MET E 68 -4.81 2.81 -10.58
CA MET E 68 -5.17 4.19 -10.90
C MET E 68 -5.89 4.85 -9.72
N LYS E 69 -6.81 4.13 -9.09
CA LYS E 69 -7.50 4.71 -7.94
C LYS E 69 -6.52 4.95 -6.79
N ASP E 70 -5.55 4.05 -6.61
CA ASP E 70 -4.55 4.23 -5.56
C ASP E 70 -3.79 5.48 -5.88
N THR E 71 -3.41 5.62 -7.15
CA THR E 71 -2.66 6.78 -7.57
C THR E 71 -3.38 8.11 -7.34
N LEU E 72 -4.67 8.13 -7.65
CA LEU E 72 -5.45 9.35 -7.46
C LEU E 72 -5.56 9.71 -5.98
N ARG E 73 -5.73 8.71 -5.11
CA ARG E 73 -5.83 8.99 -3.68
C ARG E 73 -4.54 9.59 -3.15
N ILE E 74 -3.39 8.97 -3.43
CA ILE E 74 -2.15 9.50 -2.89
C ILE E 74 -1.80 10.87 -3.49
N THR E 75 -2.13 11.06 -4.77
CA THR E 75 -1.88 12.33 -5.43
C THR E 75 -2.72 13.41 -4.78
N TYR E 76 -3.96 13.09 -4.43
CA TYR E 76 -4.84 14.05 -3.78
C TYR E 76 -4.32 14.47 -2.40
N LEU E 77 -4.03 13.47 -1.58
CA LEU E 77 -3.55 13.69 -0.21
C LEU E 77 -2.22 14.44 -0.11
N THR E 78 -1.38 14.29 -1.11
CA THR E 78 -0.07 14.94 -1.10
C THR E 78 -0.09 16.26 -1.86
N GLU E 79 -1.22 16.59 -2.46
CA GLU E 79 -1.39 17.80 -3.26
C GLU E 79 -0.43 17.83 -4.47
N THR E 80 -0.09 16.64 -4.96
CA THR E 80 0.81 16.52 -6.12
C THR E 80 0.14 17.02 -7.39
N LYS E 81 0.87 17.85 -8.15
CA LYS E 81 0.34 18.37 -9.39
C LYS E 81 0.23 17.31 -10.47
N ILE E 82 -0.90 17.30 -11.14
CA ILE E 82 -1.10 16.38 -12.24
C ILE E 82 -0.83 17.16 -13.52
N ASP E 83 -0.03 16.60 -14.43
CA ASP E 83 0.24 17.32 -15.66
C ASP E 83 -0.89 17.11 -16.67
N LYS E 84 -1.09 15.87 -17.10
CA LYS E 84 -2.10 15.55 -18.09
C LYS E 84 -2.93 14.31 -17.77
N LEU E 85 -4.13 14.25 -18.33
CA LEU E 85 -5.00 13.10 -18.18
C LEU E 85 -5.48 12.68 -19.58
N CYS E 86 -5.32 11.42 -19.95
CA CYS E 86 -5.82 10.96 -21.22
C CYS E 86 -7.17 10.38 -20.81
N VAL E 87 -8.26 10.88 -21.40
CA VAL E 87 -9.57 10.38 -21.04
C VAL E 87 -10.46 10.02 -22.22
N TRP E 88 -11.35 9.07 -21.99
CA TRP E 88 -12.34 8.68 -22.98
C TRP E 88 -13.46 9.71 -22.82
N ASN E 89 -13.90 10.32 -23.92
CA ASN E 89 -14.95 11.33 -23.87
C ASN E 89 -16.32 10.78 -24.23
N ASN E 90 -16.44 9.45 -24.28
CA ASN E 90 -17.73 8.84 -24.59
C ASN E 90 -18.38 8.36 -23.30
N LYS E 91 -17.96 8.94 -22.18
CA LYS E 91 -18.53 8.62 -20.87
C LYS E 91 -18.68 9.94 -20.10
N THR E 92 -19.63 10.01 -19.16
CA THR E 92 -19.84 11.20 -18.33
C THR E 92 -19.86 10.74 -16.87
N PRO E 93 -18.91 11.21 -16.05
CA PRO E 93 -17.83 12.12 -16.43
C PRO E 93 -16.84 11.42 -17.35
N ASN E 94 -16.00 12.19 -18.01
CA ASN E 94 -15.00 11.64 -18.90
C ASN E 94 -14.24 10.60 -18.08
N SER E 95 -13.83 9.52 -18.74
CA SER E 95 -13.19 8.38 -18.06
C SER E 95 -11.67 8.32 -18.17
N ILE E 96 -10.99 8.23 -17.05
CA ILE E 96 -9.54 8.21 -17.08
C ILE E 96 -8.90 6.96 -17.69
N ALA E 97 -8.03 7.17 -18.67
CA ALA E 97 -7.28 6.10 -19.32
C ALA E 97 -5.81 6.11 -18.84
N ALA E 98 -5.25 7.30 -18.73
CA ALA E 98 -3.86 7.43 -18.31
C ALA E 98 -3.65 8.77 -17.59
N ILE E 99 -2.57 8.85 -16.83
CA ILE E 99 -2.24 10.05 -16.10
C ILE E 99 -0.74 10.28 -16.16
N SER E 100 -0.34 11.55 -16.13
CA SER E 100 1.08 11.92 -16.12
C SER E 100 1.28 13.07 -15.13
N MET E 101 2.45 13.08 -14.49
CA MET E 101 2.81 14.09 -13.51
C MET E 101 4.24 14.54 -13.78
N LYS E 102 4.46 15.85 -13.83
CA LYS E 102 5.78 16.41 -14.08
C LYS E 102 6.35 17.18 -12.90
N ASN E 103 7.62 16.91 -12.62
CA ASN E 103 8.32 17.55 -11.52
C ASN E 103 9.25 18.61 -12.09
C1 GAT F . 12.68 -11.01 -22.46
C2 GAT F . 12.67 -9.77 -23.34
C3 GAT F . 13.03 -8.51 -22.60
C4 GAT F . 12.13 -8.37 -21.41
C5 GAT F . 12.22 -9.66 -20.55
C6 GAT F . 11.27 -9.57 -19.32
C7 GAT F . 14.32 -12.56 -21.44
C8 GAT F . 14.53 -12.75 -20.07
C9 GAT F . 14.84 -14.01 -19.56
C10 GAT F . 14.96 -15.11 -20.43
C11 GAT F . 14.76 -14.93 -21.79
C12 GAT F . 14.44 -13.66 -22.28
N1 GAT F . 15.20 -16.37 -19.94
O1 GAT F . 14.00 -11.28 -21.97
O2 GAT F . 13.70 -10.01 -24.27
O3 GAT F . 12.96 -7.32 -23.38
O4 GAT F . 10.82 -8.11 -21.90
O5 GAT F . 11.84 -10.81 -21.34
O6 GAT F . 11.21 -10.86 -18.69
C1 GAT G . 15.76 -22.51 4.80
C2 GAT G . 17.12 -22.03 4.27
C3 GAT G . 17.39 -20.60 4.60
C4 GAT G . 16.20 -19.71 4.19
C5 GAT G . 14.88 -20.29 4.75
C6 GAT G . 13.74 -19.56 4.04
C7 GAT G . 14.73 -23.38 6.74
C8 GAT G . 14.29 -24.50 6.06
C9 GAT G . 13.29 -25.30 6.57
C10 GAT G . 12.71 -24.99 7.79
C11 GAT G . 13.12 -23.86 8.49
C12 GAT G . 14.14 -23.07 7.97
N1 GAT G . 11.74 -25.80 8.31
O1 GAT G . 15.78 -22.56 6.19
O2 GAT G . 18.10 -22.85 4.90
O3 GAT G . 18.58 -20.11 3.92
O4 GAT G . 16.17 -19.66 2.79
O5 GAT G . 14.72 -21.65 4.38
O6 GAT G . 12.55 -19.83 4.76
C1 GAT H . -8.97 -17.10 20.38
C2 GAT H . -7.69 -17.23 21.17
C3 GAT H . -6.94 -15.88 21.28
C4 GAT H . -6.78 -15.31 19.88
C5 GAT H . -8.18 -15.18 19.26
C6 GAT H . -7.91 -14.68 17.87
C7 GAT H . -11.15 -16.49 21.04
C8 GAT H . -11.83 -16.60 19.84
C9 GAT H . -13.20 -16.84 19.82
C10 GAT H . -13.87 -16.97 21.03
C11 GAT H . -13.19 -16.87 22.23
C12 GAT H . -11.84 -16.64 22.22
N1 GAT H . -15.19 -17.24 21.03
O1 GAT H . -9.78 -16.23 21.07
O2 GAT H . -8.02 -17.63 22.47
O3 GAT H . -5.65 -16.01 21.90
O4 GAT H . -5.94 -16.15 19.09
O5 GAT H . -8.80 -16.44 19.17
O6 GAT H . -9.10 -14.68 17.14
C1 GAT I . -27.76 -3.52 1.88
C2 GAT I . -27.99 -2.97 3.30
C3 GAT I . -27.19 -1.66 3.65
C4 GAT I . -25.71 -1.94 3.26
C5 GAT I . -25.67 -2.36 1.76
C6 GAT I . -24.20 -2.59 1.51
C7 GAT I . -28.65 -3.06 -0.41
C8 GAT I . -29.58 -2.35 -1.16
C9 GAT I . -29.90 -2.74 -2.44
C10 GAT I . -29.30 -3.85 -3.02
C11 GAT I . -28.36 -4.57 -2.29
C12 GAT I . -28.04 -4.17 -0.98
N1 GAT I . -29.60 -4.21 -4.31
O1 GAT I . -28.30 -2.61 0.90
O2 GAT I . -29.34 -2.63 3.38
O3 GAT I . -27.28 -1.27 5.08
O4 GAT I . -25.11 -2.97 4.10
O5 GAT I . -26.36 -3.59 1.58
O6 GAT I . -24.04 -2.97 0.18
C1 GAT J . -14.04 1.44 -24.27
C2 GAT J . -15.06 2.46 -23.84
C3 GAT J . -14.42 3.56 -23.04
C4 GAT J . -13.70 2.97 -21.87
C5 GAT J . -12.76 1.85 -22.26
C6 GAT J . -12.40 1.07 -20.98
C7 GAT J . -12.29 1.18 -25.93
C8 GAT J . -12.85 0.60 -27.06
C9 GAT J . -12.13 -0.29 -27.84
C10 GAT J . -10.82 -0.61 -27.48
C11 GAT J . -10.25 -0.03 -26.36
C12 GAT J . -10.98 0.86 -25.59
N1 GAT J . -10.15 -1.56 -28.18
O1 GAT J . -13.04 2.05 -25.09
O2 GAT J . -15.62 3.02 -25.02
O3 GAT J . -15.32 4.54 -22.60
O4 GAT J . -14.71 2.46 -21.02
O5 GAT J . -13.39 0.92 -23.12
O6 GAT J . -11.43 0.10 -21.32
#